data_9Q3I
#
_entry.id   9Q3I
#
_cell.length_a   1.00
_cell.length_b   1.00
_cell.length_c   1.00
_cell.angle_alpha   90.00
_cell.angle_beta   90.00
_cell.angle_gamma   90.00
#
_symmetry.space_group_name_H-M   'P 1'
#
_entity_poly.entity_id   1
_entity_poly.type   'polypeptide(L)'
_entity_poly.pdbx_seq_one_letter_code
;MGSSHHHHHHSSGENLYFQGHMASMSPMDLQESAAALVRQLGERVEDRRGFGFMSPAIYDTAWVSMISKTIDDQKTWLFA
ECFQYILSHQLEDGGWAMYASEIDAILNTSASLLSLKRHLSNPYQITSITQEDLSARINRAQNALQKLLNEWNVDSTLHV
GFEILVPALLRYLEDEGIAFAFSGRERLLEIEKQKLSKFKAQYLYLPIKVTALHSLEAFIGAIEFDKVSHHKVSGAFMAS
PSSTAAYMMHATQWDDECEDYLRHVIAHASGKGSGGVPSAFPSTIFESVWPLSTLLKVGYDLNSAPFIEKIRSYLHDAYI
AEKGILGFTPFVGADADDTATTILVLNLLNQPVSVDAMLKEFEEEHHFKTYSQERNPSFSANCNVLLALLYSQEPSLYSA
QIEKAIRFLYKQFTDSEMDVRDKWNLSPYYSWMLMTQAITRLTTLQKTSKLSTLRDDSISKGLISLLFRIASTVVKDQKP
GGSWGTRASKEETAYAVLILTYAFYLDEVTESLRHDIKIAIENGCSFLSERTMQSDSEWLWVEKVTYKSEVLSEAYILAA
LKRAADLPDENAEAAPVINGISTNGFEHTDRINGKLKVNGTNGTNGSHETNGINGTHEIEQINGVNGTNGHSDVPHDTNG
WVEEPTAINETNGHYVNGTNHETPLTNGISNGDSVSVHTDHSDSYYQRSDWTADEEQILLGPFDYLESLPGKNMRSQLIQ
SFNTWLKVPTESLDVIIKVISMLHTASLLIDDIQDQSILRRGQPVAHSIFGTAQAMNSGNYVYFLALREVQKLQNPKAIS
IYVDSLIDLHRGQGMELFWRDSLMCPTEEQYLDMVANKTGGLFCLAIQLMQAEATIQVDFIPLVRLLGIIFQICDDYLNL
KSTAYTDNKGLCEDLTEGKFSFPIIHSIRSNPGNRQLINILKQKPREDDIKRYALSYMESTNSFEYTRGVVRKLKTEAID
TIQGLEKHGLEENIGIRKILARMSLEL
;
_entity_poly.pdbx_strand_id   A
#
# COMPACT_ATOMS: atom_id res chain seq x y z
N LEU A 30 1.65 -20.23 16.32
CA LEU A 30 1.22 -18.84 16.39
C LEU A 30 2.39 -17.90 16.22
N GLN A 31 3.38 -18.03 17.11
CA GLN A 31 4.59 -17.21 17.02
C GLN A 31 5.52 -17.71 15.91
N GLU A 32 5.49 -19.01 15.61
CA GLU A 32 6.30 -19.52 14.50
C GLU A 32 5.84 -18.95 13.17
N SER A 33 4.54 -18.87 12.95
CA SER A 33 4.03 -18.22 11.75
C SER A 33 4.38 -16.75 11.73
N ALA A 34 4.36 -16.12 12.91
CA ALA A 34 4.81 -14.73 13.01
C ALA A 34 6.30 -14.62 12.70
N ALA A 35 7.10 -15.57 13.18
CA ALA A 35 8.52 -15.56 12.89
C ALA A 35 8.78 -15.75 11.39
N ALA A 36 7.94 -16.55 10.73
CA ALA A 36 8.09 -16.77 9.30
C ALA A 36 8.06 -15.46 8.52
N LEU A 37 7.20 -14.53 8.93
CA LEU A 37 7.19 -13.21 8.31
C LEU A 37 8.53 -12.50 8.52
N VAL A 38 9.10 -12.64 9.71
CA VAL A 38 10.42 -12.07 9.98
C VAL A 38 11.48 -12.76 9.11
N ARG A 39 11.38 -14.07 8.97
CA ARG A 39 12.33 -14.81 8.14
C ARG A 39 12.16 -14.46 6.67
N GLN A 40 10.92 -14.32 6.21
CA GLN A 40 10.67 -13.98 4.82
C GLN A 40 11.30 -12.64 4.44
N LEU A 41 11.19 -11.65 5.33
CA LEU A 41 11.97 -10.43 5.17
C LEU A 41 13.46 -10.73 5.33
N GLY A 42 13.81 -11.61 6.27
CA GLY A 42 15.21 -11.93 6.50
C GLY A 42 15.85 -12.68 5.35
N GLU A 43 15.11 -13.63 4.76
CA GLU A 43 15.68 -14.42 3.67
C GLU A 43 15.95 -13.56 2.43
N ARG A 44 15.16 -12.50 2.25
CA ARG A 44 15.34 -11.61 1.11
C ARG A 44 16.43 -10.57 1.33
N VAL A 45 17.06 -10.55 2.51
CA VAL A 45 18.12 -9.59 2.78
C VAL A 45 19.30 -9.81 1.82
N GLU A 46 19.62 -11.07 1.54
CA GLU A 46 20.74 -11.36 0.66
C GLU A 46 20.54 -10.80 -0.75
N ASP A 47 19.29 -10.66 -1.18
CA ASP A 47 19.01 -10.11 -2.50
C ASP A 47 19.41 -8.64 -2.55
N ARG A 48 20.21 -8.28 -3.56
CA ARG A 48 20.68 -6.90 -3.67
C ARG A 48 19.56 -5.97 -4.13
N ARG A 49 18.71 -6.44 -5.05
CA ARG A 49 17.63 -5.60 -5.55
C ARG A 49 16.62 -5.29 -4.44
N GLY A 50 16.21 -6.30 -3.70
CA GLY A 50 15.31 -6.11 -2.59
C GLY A 50 14.30 -7.23 -2.50
N PHE A 51 13.20 -6.96 -1.81
CA PHE A 51 12.12 -7.90 -1.61
C PHE A 51 10.83 -7.32 -2.16
N GLY A 52 9.92 -8.22 -2.55
CA GLY A 52 8.64 -7.79 -3.10
C GLY A 52 7.48 -8.65 -2.70
N PHE A 53 6.46 -8.03 -2.10
CA PHE A 53 5.25 -8.74 -1.69
C PHE A 53 3.98 -8.16 -2.31
N MET A 54 4.07 -7.05 -3.01
CA MET A 54 2.90 -6.49 -3.69
C MET A 54 2.49 -7.37 -4.87
N SER A 55 1.18 -7.44 -5.10
CA SER A 55 0.67 -8.20 -6.23
C SER A 55 0.87 -7.44 -7.53
N PRO A 56 1.00 -8.15 -8.66
CA PRO A 56 1.09 -7.46 -9.95
C PRO A 56 -0.19 -6.68 -10.24
N ALA A 57 -0.03 -5.53 -10.89
CA ALA A 57 -1.14 -4.68 -11.29
C ALA A 57 -1.19 -4.62 -12.80
N ILE A 58 -2.39 -4.78 -13.37
CA ILE A 58 -2.53 -4.85 -14.82
C ILE A 58 -2.02 -3.57 -15.47
N TYR A 59 -2.16 -2.44 -14.78
CA TYR A 59 -1.66 -1.16 -15.29
C TYR A 59 -0.17 -1.23 -15.56
N ASP A 60 0.60 -1.72 -14.59
CA ASP A 60 2.06 -1.70 -14.69
C ASP A 60 2.54 -2.63 -15.81
N THR A 61 2.09 -3.88 -15.80
CA THR A 61 2.51 -4.81 -16.85
C THR A 61 1.99 -4.40 -18.20
N ALA A 62 0.86 -3.67 -18.25
CA ALA A 62 0.43 -3.06 -19.50
C ALA A 62 1.46 -2.05 -19.98
N TRP A 63 2.01 -1.26 -19.06
CA TRP A 63 3.06 -0.32 -19.45
C TRP A 63 4.37 -1.02 -19.75
N VAL A 64 4.62 -2.18 -19.14
CA VAL A 64 5.86 -2.90 -19.44
C VAL A 64 5.74 -3.68 -20.74
N SER A 65 4.51 -4.07 -21.12
CA SER A 65 4.31 -4.78 -22.38
C SER A 65 4.56 -3.92 -23.60
N MET A 66 4.69 -2.60 -23.43
CA MET A 66 4.88 -1.69 -24.54
C MET A 66 6.34 -1.36 -24.80
N ILE A 67 7.27 -2.08 -24.18
CA ILE A 67 8.69 -1.79 -24.34
C ILE A 67 9.20 -2.43 -25.62
N SER A 68 9.89 -1.65 -26.44
CA SER A 68 10.49 -2.11 -27.68
C SER A 68 11.99 -1.83 -27.65
N LYS A 69 12.77 -2.81 -28.10
CA LYS A 69 14.22 -2.73 -28.08
C LYS A 69 14.76 -2.92 -29.49
N THR A 70 15.77 -2.11 -29.84
CA THR A 70 16.45 -2.22 -31.11
C THR A 70 17.58 -3.24 -30.97
N ILE A 71 17.38 -4.43 -31.52
CA ILE A 71 18.36 -5.51 -31.44
C ILE A 71 18.74 -5.90 -32.86
N ASP A 72 20.04 -5.86 -33.15
CA ASP A 72 20.58 -6.21 -34.48
C ASP A 72 19.89 -5.40 -35.57
N ASP A 73 19.74 -4.10 -35.33
CA ASP A 73 19.09 -3.16 -36.23
C ASP A 73 17.63 -3.53 -36.51
N GLN A 74 17.03 -4.35 -35.65
CA GLN A 74 15.64 -4.74 -35.78
C GLN A 74 14.91 -4.40 -34.47
N LYS A 75 13.75 -3.78 -34.59
CA LYS A 75 12.99 -3.34 -33.43
C LYS A 75 12.05 -4.46 -33.00
N THR A 76 12.21 -4.92 -31.76
CA THR A 76 11.41 -6.00 -31.20
C THR A 76 10.92 -5.61 -29.81
N TRP A 77 9.74 -6.09 -29.45
CA TRP A 77 9.22 -5.85 -28.11
C TRP A 77 10.05 -6.64 -27.11
N LEU A 78 10.52 -5.95 -26.06
CA LEU A 78 11.47 -6.57 -25.13
C LEU A 78 10.81 -7.67 -24.29
N PHE A 79 9.65 -7.37 -23.71
CA PHE A 79 8.99 -8.29 -22.79
C PHE A 79 7.64 -8.69 -23.38
N ALA A 80 7.62 -9.79 -24.13
CA ALA A 80 6.37 -10.34 -24.62
C ALA A 80 5.57 -11.05 -23.55
N GLU A 81 6.21 -11.46 -22.45
CA GLU A 81 5.48 -12.09 -21.35
C GLU A 81 4.51 -11.12 -20.71
N CYS A 82 4.88 -9.84 -20.61
CA CYS A 82 3.95 -8.83 -20.10
C CYS A 82 2.76 -8.66 -21.05
N PHE A 83 3.01 -8.70 -22.36
CA PHE A 83 1.93 -8.62 -23.33
C PHE A 83 0.98 -9.81 -23.19
N GLN A 84 1.54 -11.01 -22.97
CA GLN A 84 0.69 -12.17 -22.73
C GLN A 84 -0.08 -12.02 -21.43
N TYR A 85 0.54 -11.42 -20.42
CA TYR A 85 -0.14 -11.18 -19.15
C TYR A 85 -1.33 -10.25 -19.33
N ILE A 86 -1.17 -9.21 -20.17
CA ILE A 86 -2.27 -8.31 -20.46
C ILE A 86 -3.35 -9.01 -21.28
N LEU A 87 -2.96 -9.86 -22.22
CA LEU A 87 -3.94 -10.56 -23.05
C LEU A 87 -4.74 -11.56 -22.22
N SER A 88 -4.11 -12.20 -21.24
CA SER A 88 -4.77 -13.24 -20.45
C SER A 88 -5.68 -12.66 -19.38
N HIS A 89 -5.63 -11.36 -19.12
CA HIS A 89 -6.42 -10.76 -18.06
C HIS A 89 -7.65 -10.01 -18.58
N GLN A 90 -7.88 -10.00 -19.89
CA GLN A 90 -9.05 -9.33 -20.43
C GLN A 90 -10.31 -10.08 -20.04
N LEU A 91 -11.35 -9.32 -19.67
CA LEU A 91 -12.59 -9.90 -19.20
C LEU A 91 -13.58 -10.07 -20.36
N GLU A 92 -14.73 -10.68 -20.05
CA GLU A 92 -15.73 -10.94 -21.08
C GLU A 92 -16.29 -9.63 -21.65
N ASP A 93 -16.51 -8.64 -20.80
CA ASP A 93 -17.06 -7.36 -21.25
C ASP A 93 -16.07 -6.56 -22.10
N GLY A 94 -14.81 -6.98 -22.17
CA GLY A 94 -13.78 -6.26 -22.88
C GLY A 94 -12.85 -5.47 -21.97
N GLY A 95 -13.24 -5.23 -20.73
CA GLY A 95 -12.42 -4.51 -19.78
C GLY A 95 -11.51 -5.43 -18.99
N TRP A 96 -10.90 -4.85 -17.97
CA TRP A 96 -10.03 -5.62 -17.08
C TRP A 96 -10.56 -5.54 -15.65
N ALA A 97 -9.78 -6.03 -14.69
CA ALA A 97 -10.29 -6.26 -13.34
C ALA A 97 -10.57 -4.94 -12.62
N MET A 98 -11.64 -4.94 -11.82
CA MET A 98 -12.07 -3.78 -11.06
C MET A 98 -11.41 -3.69 -9.69
N TYR A 99 -10.91 -4.81 -9.17
CA TYR A 99 -10.16 -4.84 -7.92
C TYR A 99 -10.98 -4.30 -6.75
N ALA A 100 -10.94 -2.98 -6.55
CA ALA A 100 -11.64 -2.36 -5.43
C ALA A 100 -12.42 -1.11 -5.79
N SER A 101 -12.09 -0.43 -6.89
CA SER A 101 -12.80 0.79 -7.28
C SER A 101 -12.97 0.79 -8.79
N GLU A 102 -13.97 1.55 -9.25
CA GLU A 102 -14.18 1.70 -10.68
C GLU A 102 -12.99 2.35 -11.36
N ILE A 103 -12.24 3.18 -10.63
CA ILE A 103 -11.02 3.77 -11.20
C ILE A 103 -10.01 2.68 -11.53
N ASP A 104 -9.95 1.63 -10.71
CA ASP A 104 -9.06 0.51 -11.02
C ASP A 104 -9.43 -0.14 -12.34
N ALA A 105 -10.73 -0.41 -12.54
CA ALA A 105 -11.17 -1.02 -13.79
C ALA A 105 -10.87 -0.12 -14.97
N ILE A 106 -11.14 1.18 -14.83
CA ILE A 106 -10.91 2.13 -15.92
C ILE A 106 -9.43 2.17 -16.27
N LEU A 107 -8.56 2.23 -15.24
CA LEU A 107 -7.12 2.32 -15.49
C LEU A 107 -6.59 1.05 -16.16
N ASN A 108 -6.95 -0.12 -15.61
CA ASN A 108 -6.45 -1.36 -16.20
C ASN A 108 -6.94 -1.51 -17.63
N THR A 109 -8.23 -1.25 -17.88
CA THR A 109 -8.76 -1.38 -19.23
C THR A 109 -8.09 -0.40 -20.18
N SER A 110 -7.92 0.86 -19.76
CA SER A 110 -7.34 1.85 -20.65
C SER A 110 -5.88 1.54 -20.97
N ALA A 111 -5.08 1.19 -19.95
CA ALA A 111 -3.68 0.87 -20.21
C ALA A 111 -3.54 -0.37 -21.09
N SER A 112 -4.32 -1.42 -20.80
CA SER A 112 -4.25 -2.62 -21.60
C SER A 112 -4.71 -2.39 -23.03
N LEU A 113 -5.76 -1.59 -23.23
CA LEU A 113 -6.20 -1.26 -24.58
C LEU A 113 -5.19 -0.39 -25.33
N LEU A 114 -4.51 0.52 -24.64
CA LEU A 114 -3.43 1.25 -25.27
C LEU A 114 -2.33 0.31 -25.71
N SER A 115 -1.98 -0.68 -24.88
CA SER A 115 -0.99 -1.67 -25.28
C SER A 115 -1.47 -2.46 -26.50
N LEU A 116 -2.75 -2.81 -26.54
CA LEU A 116 -3.30 -3.53 -27.69
C LEU A 116 -3.18 -2.70 -28.96
N LYS A 117 -3.48 -1.41 -28.87
CA LYS A 117 -3.34 -0.52 -30.01
C LYS A 117 -1.88 -0.44 -30.46
N ARG A 118 -0.96 -0.29 -29.50
CA ARG A 118 0.45 -0.18 -29.84
C ARG A 118 0.95 -1.43 -30.55
N HIS A 119 0.55 -2.61 -30.07
CA HIS A 119 0.99 -3.85 -30.70
C HIS A 119 0.23 -4.15 -31.99
N LEU A 120 -0.94 -3.57 -32.18
CA LEU A 120 -1.61 -3.66 -33.47
C LEU A 120 -0.89 -2.83 -34.52
N SER A 121 -0.48 -1.61 -34.14
CA SER A 121 0.26 -0.77 -35.08
C SER A 121 1.60 -1.39 -35.45
N ASN A 122 2.30 -1.96 -34.48
CA ASN A 122 3.64 -2.52 -34.67
C ASN A 122 3.72 -3.91 -34.06
N PRO A 123 3.28 -4.94 -34.78
CA PRO A 123 3.36 -6.30 -34.22
C PRO A 123 4.78 -6.79 -33.98
N TYR A 124 5.77 -6.26 -34.70
CA TYR A 124 7.17 -6.68 -34.62
C TYR A 124 7.33 -8.19 -34.59
N GLN A 125 8.02 -8.71 -33.57
CA GLN A 125 8.37 -10.12 -33.49
C GLN A 125 7.34 -10.95 -32.73
N ILE A 126 6.31 -10.33 -32.18
CA ILE A 126 5.28 -11.03 -31.42
C ILE A 126 4.22 -11.52 -32.41
N THR A 127 4.26 -12.82 -32.71
CA THR A 127 3.31 -13.42 -33.64
C THR A 127 2.15 -14.09 -32.92
N SER A 128 2.09 -14.00 -31.59
CA SER A 128 1.00 -14.62 -30.85
C SER A 128 -0.34 -14.00 -31.22
N ILE A 129 -0.39 -12.68 -31.36
CA ILE A 129 -1.61 -11.96 -31.70
C ILE A 129 -1.53 -11.50 -33.14
N THR A 130 -2.68 -11.47 -33.80
CA THR A 130 -2.78 -11.10 -35.20
C THR A 130 -3.17 -9.63 -35.34
N GLN A 131 -3.48 -9.22 -36.56
CA GLN A 131 -4.01 -7.88 -36.82
C GLN A 131 -5.53 -7.85 -36.85
N GLU A 132 -6.19 -9.00 -36.74
CA GLU A 132 -7.64 -9.09 -36.68
C GLU A 132 -8.16 -9.48 -35.31
N ASP A 133 -7.55 -10.48 -34.67
CA ASP A 133 -7.91 -10.81 -33.30
C ASP A 133 -7.60 -9.63 -32.37
N LEU A 134 -6.48 -8.96 -32.60
CA LEU A 134 -6.17 -7.78 -31.80
C LEU A 134 -7.14 -6.64 -32.07
N SER A 135 -7.61 -6.51 -33.32
CA SER A 135 -8.61 -5.50 -33.62
C SER A 135 -9.93 -5.81 -32.90
N ALA A 136 -10.32 -7.09 -32.86
CA ALA A 136 -11.51 -7.48 -32.12
C ALA A 136 -11.34 -7.19 -30.63
N ARG A 137 -10.17 -7.51 -30.07
CA ARG A 137 -9.90 -7.19 -28.68
C ARG A 137 -9.95 -5.69 -28.44
N ILE A 138 -9.45 -4.91 -29.39
CA ILE A 138 -9.46 -3.45 -29.27
C ILE A 138 -10.89 -2.93 -29.26
N ASN A 139 -11.75 -3.45 -30.14
CA ASN A 139 -13.14 -3.02 -30.15
C ASN A 139 -13.83 -3.39 -28.83
N ARG A 140 -13.57 -4.60 -28.33
CA ARG A 140 -14.17 -5.01 -27.05
C ARG A 140 -13.73 -4.10 -25.91
N ALA A 141 -12.43 -3.80 -25.84
CA ALA A 141 -11.96 -2.92 -24.78
C ALA A 141 -12.47 -1.50 -24.97
N GLN A 142 -12.65 -1.07 -26.21
CA GLN A 142 -13.20 0.26 -26.47
C GLN A 142 -14.61 0.38 -25.94
N ASN A 143 -15.46 -0.61 -26.24
CA ASN A 143 -16.84 -0.55 -25.75
C ASN A 143 -16.88 -0.68 -24.23
N ALA A 144 -16.01 -1.51 -23.66
CA ALA A 144 -15.98 -1.66 -22.20
C ALA A 144 -15.60 -0.35 -21.52
N LEU A 145 -14.56 0.32 -22.03
CA LEU A 145 -14.17 1.60 -21.45
C LEU A 145 -15.23 2.67 -21.70
N GLN A 146 -15.93 2.61 -22.83
CA GLN A 146 -17.03 3.54 -23.06
C GLN A 146 -18.12 3.37 -22.01
N LYS A 147 -18.48 2.12 -21.71
CA LYS A 147 -19.46 1.86 -20.65
C LYS A 147 -18.95 2.37 -19.31
N LEU A 148 -17.68 2.10 -19.00
CA LEU A 148 -17.12 2.53 -17.72
C LEU A 148 -17.13 4.04 -17.59
N LEU A 149 -16.83 4.75 -18.67
CA LEU A 149 -16.84 6.21 -18.63
C LEU A 149 -18.25 6.77 -18.55
N ASN A 150 -19.21 6.12 -19.21
CA ASN A 150 -20.60 6.53 -19.06
C ASN A 150 -21.12 6.28 -17.66
N GLU A 151 -20.54 5.35 -16.91
CA GLU A 151 -20.91 5.12 -15.53
C GLU A 151 -20.05 5.89 -14.52
N TRP A 152 -19.02 6.59 -14.98
CA TRP A 152 -18.06 7.23 -14.10
C TRP A 152 -18.30 8.73 -14.06
N ASN A 153 -18.30 9.30 -12.86
CA ASN A 153 -18.49 10.74 -12.69
C ASN A 153 -17.30 11.35 -11.98
N PHE A 162 -5.46 7.73 -10.88
CA PHE A 162 -6.83 8.16 -10.65
C PHE A 162 -7.09 9.54 -11.23
N GLU A 163 -6.59 10.57 -10.56
CA GLU A 163 -6.79 11.93 -11.02
C GLU A 163 -5.98 12.22 -12.27
N ILE A 164 -4.73 11.76 -12.32
CA ILE A 164 -3.86 12.01 -13.47
C ILE A 164 -3.65 10.79 -14.34
N LEU A 165 -4.09 9.61 -13.90
CA LEU A 165 -3.87 8.40 -14.69
C LEU A 165 -4.99 8.15 -15.69
N VAL A 166 -6.22 8.56 -15.37
CA VAL A 166 -7.36 8.34 -16.26
C VAL A 166 -7.32 9.29 -17.45
N PRO A 167 -7.20 10.61 -17.27
CA PRO A 167 -7.11 11.49 -18.44
C PRO A 167 -5.90 11.20 -19.32
N ALA A 168 -4.76 10.84 -18.73
CA ALA A 168 -3.59 10.53 -19.53
C ALA A 168 -3.81 9.30 -20.39
N LEU A 169 -4.41 8.26 -19.82
CA LEU A 169 -4.73 7.06 -20.60
C LEU A 169 -5.75 7.37 -21.68
N LEU A 170 -6.74 8.21 -21.37
CA LEU A 170 -7.72 8.60 -22.38
C LEU A 170 -7.06 9.35 -23.53
N ARG A 171 -6.11 10.24 -23.21
CA ARG A 171 -5.38 10.96 -24.26
C ARG A 171 -4.56 9.99 -25.11
N TYR A 172 -3.88 9.04 -24.46
CA TYR A 172 -3.08 8.08 -25.20
C TYR A 172 -3.95 7.22 -26.12
N LEU A 173 -5.10 6.78 -25.63
CA LEU A 173 -6.03 6.00 -26.45
C LEU A 173 -6.57 6.83 -27.61
N GLU A 174 -6.92 8.08 -27.35
CA GLU A 174 -7.51 8.92 -28.39
C GLU A 174 -6.49 9.31 -29.45
N ASP A 175 -5.20 9.36 -29.08
CA ASP A 175 -4.15 9.61 -30.05
C ASP A 175 -3.98 8.45 -31.04
N GLU A 176 -4.60 7.31 -30.78
CA GLU A 176 -4.45 6.10 -31.60
C GLU A 176 -5.83 5.53 -31.94
N GLY A 177 -6.72 6.39 -32.41
CA GLY A 177 -8.09 5.98 -32.67
C GLY A 177 -8.97 6.21 -31.47
N ILE A 178 -10.15 5.54 -31.49
CA ILE A 178 -11.15 5.46 -30.43
C ILE A 178 -11.46 6.80 -29.79
N ALA A 179 -12.69 7.29 -29.98
CA ALA A 179 -13.11 8.55 -29.38
C ALA A 179 -13.51 8.33 -27.92
N SER A 183 -19.39 14.93 -18.75
CA SER A 183 -18.28 15.42 -17.94
C SER A 183 -17.06 14.52 -18.10
N GLY A 184 -17.24 13.24 -17.80
CA GLY A 184 -16.13 12.30 -17.90
C GLY A 184 -15.04 12.60 -16.89
N ARG A 185 -13.80 12.35 -17.30
CA ARG A 185 -12.65 12.62 -16.43
C ARG A 185 -12.52 14.12 -16.17
N GLU A 186 -12.78 14.95 -17.19
CA GLU A 186 -12.56 16.38 -17.09
C GLU A 186 -13.67 17.08 -16.31
N ARG A 187 -13.95 16.61 -15.10
CA ARG A 187 -14.82 17.32 -14.18
C ARG A 187 -14.14 17.43 -12.82
N LEU A 188 -13.34 16.43 -12.48
CA LEU A 188 -12.55 16.42 -11.27
C LEU A 188 -11.09 16.07 -11.49
N LEU A 189 -10.76 15.39 -12.58
CA LEU A 189 -9.38 14.98 -12.88
C LEU A 189 -8.66 16.00 -13.76
N GLU A 190 -8.69 17.27 -13.34
CA GLU A 190 -8.04 18.33 -14.08
C GLU A 190 -7.31 19.31 -13.17
N ILE A 191 -7.05 18.94 -11.91
CA ILE A 191 -6.36 19.84 -10.99
C ILE A 191 -4.95 20.12 -11.49
N GLU A 192 -4.24 19.09 -11.94
CA GLU A 192 -2.89 19.25 -12.45
C GLU A 192 -2.54 18.15 -13.44
N GLN A 202 7.43 17.52 -15.16
CA GLN A 202 8.36 18.65 -15.26
C GLN A 202 9.26 18.73 -14.02
N TYR A 203 8.66 18.57 -12.85
CA TYR A 203 9.40 18.63 -11.60
C TYR A 203 10.05 17.29 -11.29
N LEU A 204 10.81 16.75 -12.25
CA LEU A 204 11.51 15.49 -12.05
C LEU A 204 12.94 15.51 -12.56
N TYR A 205 13.44 16.65 -13.04
CA TYR A 205 14.81 16.75 -13.51
C TYR A 205 15.81 16.94 -12.38
N LEU A 206 15.35 17.29 -11.17
CA LEU A 206 16.17 17.49 -9.98
C LEU A 206 16.45 16.15 -9.30
N PRO A 207 17.56 16.04 -8.58
CA PRO A 207 17.85 14.79 -7.86
C PRO A 207 16.82 14.46 -6.78
N ILE A 208 16.04 15.44 -6.32
CA ILE A 208 15.05 15.19 -5.28
C ILE A 208 13.94 14.33 -5.86
N LYS A 209 13.62 13.24 -5.17
CA LYS A 209 12.60 12.30 -5.63
C LYS A 209 11.21 12.79 -5.27
N VAL A 210 10.26 12.56 -6.18
CA VAL A 210 8.86 12.91 -5.99
C VAL A 210 8.01 11.67 -6.22
N THR A 211 6.73 11.79 -5.85
CA THR A 211 5.80 10.69 -6.05
C THR A 211 5.47 10.47 -7.53
N ALA A 212 5.76 11.45 -8.39
CA ALA A 212 5.52 11.28 -9.82
C ALA A 212 6.50 10.32 -10.47
N LEU A 213 7.60 9.97 -9.78
CA LEU A 213 8.46 8.90 -10.26
C LEU A 213 7.79 7.54 -10.20
N HIS A 214 6.65 7.43 -9.52
CA HIS A 214 5.88 6.20 -9.50
C HIS A 214 4.86 6.14 -10.62
N SER A 215 4.45 7.29 -11.17
CA SER A 215 3.43 7.34 -12.22
C SER A 215 3.92 8.04 -13.47
N LEU A 216 5.23 8.13 -13.67
CA LEU A 216 5.81 8.72 -14.88
C LEU A 216 5.17 8.21 -16.17
N GLU A 217 4.58 7.02 -16.16
CA GLU A 217 3.93 6.50 -17.37
C GLU A 217 2.72 7.33 -17.78
N ALA A 218 2.22 8.19 -16.91
CA ALA A 218 1.10 9.06 -17.24
C ALA A 218 1.54 10.39 -17.81
N PHE A 219 2.83 10.59 -18.04
CA PHE A 219 3.38 11.84 -18.53
C PHE A 219 4.18 11.61 -19.82
N ILE A 220 3.71 10.68 -20.65
CA ILE A 220 4.39 10.37 -21.90
C ILE A 220 4.27 11.52 -22.89
N GLY A 221 3.22 12.34 -22.76
CA GLY A 221 2.99 13.39 -23.73
C GLY A 221 4.16 14.35 -23.88
N ALA A 222 4.78 14.73 -22.76
CA ALA A 222 5.92 15.65 -22.79
C ALA A 222 6.77 15.39 -21.55
N ILE A 223 7.86 14.66 -21.74
CA ILE A 223 8.79 14.37 -20.66
C ILE A 223 10.15 13.98 -21.24
N GLU A 224 11.22 14.56 -20.71
CA GLU A 224 12.58 14.19 -21.10
C GLU A 224 13.04 13.05 -20.20
N PHE A 225 12.85 11.82 -20.68
CA PHE A 225 13.22 10.65 -19.88
C PHE A 225 14.72 10.51 -19.76
N ASP A 226 15.48 10.95 -20.76
CA ASP A 226 16.93 10.99 -20.62
C ASP A 226 17.35 11.93 -19.49
N LYS A 227 16.55 12.95 -19.21
CA LYS A 227 16.81 13.83 -18.08
C LYS A 227 16.46 13.15 -16.76
N VAL A 228 15.41 12.33 -16.74
CA VAL A 228 15.03 11.61 -15.53
C VAL A 228 15.86 10.36 -15.31
N SER A 229 16.73 10.02 -16.26
CA SER A 229 17.58 8.84 -16.12
C SER A 229 18.40 8.88 -14.84
N HIS A 230 18.75 10.08 -14.36
CA HIS A 230 19.49 10.20 -13.11
C HIS A 230 18.69 9.69 -11.93
N HIS A 231 17.36 9.73 -12.03
CA HIS A 231 16.49 9.23 -10.97
C HIS A 231 16.40 7.71 -11.04
N LYS A 232 17.55 7.04 -10.98
CA LYS A 232 17.62 5.59 -11.14
C LYS A 232 18.29 5.00 -9.91
N VAL A 233 17.57 4.16 -9.18
CA VAL A 233 18.11 3.44 -8.04
C VAL A 233 17.90 1.94 -8.31
N SER A 234 18.99 1.19 -8.32
CA SER A 234 18.96 -0.25 -8.60
C SER A 234 18.29 -0.53 -9.94
N GLY A 235 18.37 0.41 -10.86
CA GLY A 235 17.72 0.29 -12.16
C GLY A 235 16.26 0.67 -12.19
N ALA A 236 15.73 1.27 -11.12
CA ALA A 236 14.31 1.51 -10.97
C ALA A 236 14.00 3.00 -11.03
N PHE A 237 12.71 3.31 -10.92
CA PHE A 237 12.20 4.68 -10.87
C PHE A 237 11.12 4.70 -9.78
N MET A 238 11.54 5.02 -8.55
CA MET A 238 10.68 4.92 -7.37
C MET A 238 10.04 3.54 -7.27
N ALA A 239 10.83 2.52 -7.59
CA ALA A 239 10.44 1.11 -7.49
C ALA A 239 9.23 0.75 -8.33
N SER A 240 8.76 1.66 -9.20
CA SER A 240 7.57 1.42 -9.98
C SER A 240 7.94 0.84 -11.33
N PRO A 241 7.56 -0.41 -11.64
CA PRO A 241 7.88 -0.96 -12.96
C PRO A 241 7.26 -0.19 -14.11
N SER A 242 6.07 0.39 -13.94
CA SER A 242 5.43 1.11 -15.03
C SER A 242 6.23 2.35 -15.41
N SER A 243 6.73 3.07 -14.41
CA SER A 243 7.52 4.27 -14.69
C SER A 243 8.82 3.93 -15.42
N THR A 244 9.51 2.87 -14.97
CA THR A 244 10.71 2.44 -15.66
C THR A 244 10.40 1.94 -17.06
N ALA A 245 9.23 1.32 -17.25
CA ALA A 245 8.83 0.89 -18.57
C ALA A 245 8.62 2.07 -19.50
N ALA A 246 7.96 3.12 -19.00
CA ALA A 246 7.80 4.33 -19.78
C ALA A 246 9.16 4.94 -20.12
N TYR A 247 10.08 4.94 -19.15
CA TYR A 247 11.42 5.46 -19.39
C TYR A 247 12.12 4.69 -20.49
N MET A 248 12.18 3.37 -20.36
CA MET A 248 12.82 2.54 -21.37
C MET A 248 12.15 2.65 -22.73
N MET A 249 10.84 2.94 -22.76
CA MET A 249 10.16 3.16 -24.04
C MET A 249 10.58 4.49 -24.66
N HIS A 250 10.76 5.52 -23.83
CA HIS A 250 11.00 6.86 -24.34
C HIS A 250 12.35 7.43 -23.91
N ALA A 251 13.33 6.58 -23.61
CA ALA A 251 14.68 7.03 -23.34
C ALA A 251 15.46 7.11 -24.65
N THR A 252 16.16 8.23 -24.84
CA THR A 252 17.00 8.38 -26.04
C THR A 252 18.12 7.36 -26.06
N GLN A 253 18.75 7.13 -24.90
CA GLN A 253 19.84 6.16 -24.78
C GLN A 253 19.34 4.96 -23.98
N TRP A 254 19.42 3.79 -24.58
CA TRP A 254 18.98 2.57 -23.91
C TRP A 254 19.90 2.24 -22.75
N ASP A 255 19.29 1.89 -21.61
CA ASP A 255 20.03 1.52 -20.40
C ASP A 255 19.83 0.03 -20.16
N ASP A 256 20.90 -0.74 -20.32
CA ASP A 256 20.84 -2.16 -20.01
C ASP A 256 20.62 -2.41 -18.52
N GLU A 257 20.98 -1.44 -17.66
CA GLU A 257 20.71 -1.57 -16.24
C GLU A 257 19.22 -1.58 -15.94
N CYS A 258 18.46 -0.71 -16.62
CA CYS A 258 17.00 -0.73 -16.46
C CYS A 258 16.39 -2.02 -16.97
N GLU A 259 16.93 -2.56 -18.08
CA GLU A 259 16.47 -3.85 -18.57
C GLU A 259 16.75 -4.95 -17.56
N ASP A 260 17.94 -4.93 -16.93
CA ASP A 260 18.26 -5.92 -15.91
C ASP A 260 17.35 -5.79 -14.70
N TYR A 261 17.08 -4.56 -14.26
CA TYR A 261 16.15 -4.36 -13.16
C TYR A 261 14.76 -4.89 -13.50
N LEU A 262 14.29 -4.61 -14.72
CA LEU A 262 12.96 -5.08 -15.11
C LEU A 262 12.91 -6.59 -15.19
N ARG A 263 13.98 -7.22 -15.70
CA ARG A 263 14.03 -8.67 -15.72
C ARG A 263 14.00 -9.24 -14.31
N HIS A 264 14.73 -8.60 -13.39
CA HIS A 264 14.70 -9.03 -11.99
C HIS A 264 13.29 -8.91 -11.42
N VAL A 265 12.60 -7.81 -11.72
CA VAL A 265 11.23 -7.64 -11.23
C VAL A 265 10.32 -8.71 -11.80
N ILE A 266 10.43 -8.97 -13.11
CA ILE A 266 9.53 -9.91 -13.77
C ILE A 266 9.76 -11.32 -13.24
N ALA A 267 11.01 -11.69 -12.97
CA ALA A 267 11.32 -13.03 -12.52
C ALA A 267 11.35 -13.18 -11.01
N HIS A 268 11.12 -12.10 -10.25
CA HIS A 268 11.22 -12.17 -8.80
C HIS A 268 10.05 -11.48 -8.09
N ALA A 269 8.95 -11.19 -8.77
CA ALA A 269 7.79 -10.59 -8.15
C ALA A 269 6.78 -11.68 -7.79
N SER A 270 5.58 -11.27 -7.39
CA SER A 270 4.52 -12.20 -7.04
C SER A 270 3.62 -12.47 -8.25
N GLY A 275 4.74 -12.63 -16.13
CA GLY A 275 5.25 -11.40 -16.71
C GLY A 275 4.69 -10.16 -16.04
N GLY A 276 3.58 -10.35 -15.33
CA GLY A 276 2.96 -9.26 -14.60
C GLY A 276 3.87 -8.65 -13.56
N VAL A 277 4.01 -7.33 -13.58
CA VAL A 277 4.89 -6.64 -12.66
C VAL A 277 4.04 -5.94 -11.59
N PRO A 278 4.55 -5.80 -10.37
CA PRO A 278 3.77 -5.15 -9.31
C PRO A 278 3.81 -3.63 -9.44
N SER A 279 3.16 -2.96 -8.50
CA SER A 279 3.18 -1.50 -8.50
C SER A 279 4.51 -0.97 -8.00
N ALA A 280 5.07 -1.55 -6.95
CA ALA A 280 6.33 -1.12 -6.39
C ALA A 280 7.24 -2.32 -6.17
N PHE A 281 8.48 -2.21 -6.63
CA PHE A 281 9.47 -3.28 -6.48
C PHE A 281 10.86 -2.66 -6.51
N PRO A 282 11.65 -2.80 -5.44
CA PRO A 282 11.41 -3.58 -4.22
C PRO A 282 10.44 -2.93 -3.24
N SER A 283 9.93 -3.72 -2.29
CA SER A 283 9.09 -3.25 -1.20
C SER A 283 9.64 -3.77 0.12
N THR A 284 10.95 -3.59 0.31
CA THR A 284 11.65 -4.25 1.42
C THR A 284 11.15 -3.74 2.77
N ILE A 285 11.34 -2.45 3.05
CA ILE A 285 11.04 -1.93 4.38
C ILE A 285 9.56 -2.07 4.69
N PHE A 286 8.69 -1.72 3.74
CA PHE A 286 7.25 -1.79 4.01
C PHE A 286 6.83 -3.20 4.37
N GLU A 287 7.10 -4.15 3.49
CA GLU A 287 6.69 -5.54 3.70
C GLU A 287 7.49 -6.22 4.79
N SER A 288 8.55 -5.60 5.30
CA SER A 288 9.31 -6.13 6.41
C SER A 288 8.86 -5.61 7.77
N VAL A 289 8.48 -4.33 7.84
CA VAL A 289 8.23 -3.69 9.13
C VAL A 289 6.73 -3.67 9.44
N TRP A 290 5.89 -3.58 8.40
CA TRP A 290 4.45 -3.68 8.66
C TRP A 290 4.09 -5.01 9.31
N PRO A 291 4.53 -6.16 8.79
CA PRO A 291 4.27 -7.41 9.54
C PRO A 291 4.88 -7.43 10.92
N LEU A 292 6.14 -7.00 11.06
CA LEU A 292 6.80 -7.07 12.36
C LEU A 292 6.11 -6.17 13.38
N SER A 293 5.77 -4.93 12.97
CA SER A 293 5.08 -4.03 13.89
C SER A 293 3.70 -4.57 14.25
N THR A 294 2.98 -5.10 13.27
CA THR A 294 1.66 -5.66 13.54
C THR A 294 1.75 -6.81 14.53
N LEU A 295 2.78 -7.67 14.38
CA LEU A 295 2.97 -8.76 15.32
C LEU A 295 3.49 -8.26 16.67
N LEU A 296 4.39 -7.27 16.65
CA LEU A 296 5.00 -6.81 17.89
C LEU A 296 4.00 -6.02 18.74
N LYS A 297 3.13 -5.22 18.10
CA LYS A 297 2.18 -4.42 18.86
C LYS A 297 1.20 -5.28 19.64
N VAL A 298 0.93 -6.49 19.16
CA VAL A 298 0.05 -7.41 19.88
C VAL A 298 0.87 -8.33 20.77
N GLY A 299 2.17 -8.05 20.86
CA GLY A 299 3.02 -8.73 21.81
C GLY A 299 3.64 -10.02 21.37
N TYR A 300 3.76 -10.26 20.07
CA TYR A 300 4.46 -11.45 19.59
C TYR A 300 5.93 -11.41 20.02
N ASP A 301 6.41 -12.53 20.55
CA ASP A 301 7.78 -12.66 21.02
C ASP A 301 8.57 -13.43 19.98
N LEU A 302 9.39 -12.72 19.20
CA LEU A 302 10.15 -13.32 18.12
C LEU A 302 11.61 -12.89 18.10
N ASN A 303 12.12 -12.28 19.17
CA ASN A 303 13.50 -11.82 19.19
C ASN A 303 14.47 -12.99 19.03
N SER A 304 14.21 -14.10 19.72
CA SER A 304 15.08 -15.26 19.63
C SER A 304 14.34 -16.46 19.03
N PHE A 307 16.18 -16.97 12.85
CA PHE A 307 16.48 -16.42 11.54
C PHE A 307 16.03 -14.96 11.46
N ILE A 308 15.45 -14.47 12.56
CA ILE A 308 15.05 -13.07 12.60
C ILE A 308 16.26 -12.15 12.73
N GLU A 309 17.42 -12.70 13.14
CA GLU A 309 18.60 -11.87 13.33
C GLU A 309 18.99 -11.18 12.02
N LYS A 310 18.96 -11.90 10.90
CA LYS A 310 19.30 -11.31 9.61
C LYS A 310 18.30 -10.25 9.18
N ILE A 311 17.07 -10.31 9.68
CA ILE A 311 16.08 -9.29 9.34
C ILE A 311 16.24 -8.05 10.22
N ARG A 312 16.43 -8.24 11.53
CA ARG A 312 16.61 -7.11 12.43
C ARG A 312 17.91 -6.37 12.12
N SER A 313 18.98 -7.10 11.80
CA SER A 313 20.24 -6.46 11.44
C SER A 313 20.09 -5.64 10.17
N TYR A 314 19.40 -6.19 9.16
CA TYR A 314 19.19 -5.43 7.92
C TYR A 314 18.32 -4.21 8.16
N LEU A 315 17.30 -4.34 9.02
CA LEU A 315 16.46 -3.19 9.33
C LEU A 315 17.24 -2.12 10.08
N HIS A 316 18.14 -2.53 10.98
CA HIS A 316 19.00 -1.57 11.67
C HIS A 316 19.94 -0.88 10.68
N ASP A 317 20.49 -1.63 9.73
CA ASP A 317 21.34 -1.03 8.71
C ASP A 317 20.55 -0.04 7.85
N ALA A 318 19.32 -0.39 7.50
CA ALA A 318 18.47 0.53 6.75
C ALA A 318 18.18 1.79 7.55
N TYR A 319 17.93 1.65 8.85
CA TYR A 319 17.73 2.81 9.71
C TYR A 319 18.98 3.69 9.73
N ILE A 320 20.16 3.08 9.83
CA ILE A 320 21.40 3.85 9.92
C ILE A 320 21.67 4.58 8.61
N ALA A 321 21.53 3.87 7.48
CA ALA A 321 21.85 4.46 6.19
C ALA A 321 20.83 5.55 5.80
N GLU A 322 19.56 5.32 6.12
CA GLU A 322 18.49 6.23 5.73
C GLU A 322 18.27 7.34 6.75
N LYS A 323 19.11 7.41 7.78
CA LYS A 323 19.01 8.44 8.82
C LYS A 323 17.69 8.38 9.56
N GLY A 324 17.08 7.20 9.61
CA GLY A 324 15.91 6.94 10.41
C GLY A 324 14.59 7.10 9.68
N ILE A 325 14.56 7.79 8.55
CA ILE A 325 13.36 7.95 7.75
C ILE A 325 13.39 6.92 6.62
N LEU A 326 12.42 6.02 6.63
CA LEU A 326 12.39 4.92 5.69
C LEU A 326 11.06 4.90 4.94
N GLY A 327 11.13 4.65 3.64
CA GLY A 327 9.96 4.47 2.81
C GLY A 327 9.54 3.02 2.74
N PHE A 328 9.00 2.63 1.60
CA PHE A 328 8.68 1.23 1.37
C PHE A 328 9.86 0.43 0.84
N THR A 329 10.95 1.10 0.50
CA THR A 329 12.16 0.46 -0.01
C THR A 329 13.33 1.42 0.18
N PRO A 330 14.57 0.93 0.16
CA PRO A 330 15.70 1.85 0.33
C PRO A 330 15.78 2.86 -0.80
N PHE A 331 15.94 4.13 -0.42
CA PHE A 331 16.18 5.22 -1.36
C PHE A 331 15.07 5.35 -2.39
N VAL A 332 13.82 5.15 -1.96
CA VAL A 332 12.65 5.40 -2.79
C VAL A 332 11.73 6.45 -2.20
N GLY A 333 12.05 6.99 -1.04
CA GLY A 333 11.25 8.00 -0.40
C GLY A 333 11.15 7.72 1.09
N ALA A 334 10.18 8.36 1.74
CA ALA A 334 9.96 8.17 3.17
C ALA A 334 8.55 8.62 3.50
N ASP A 335 7.76 7.71 4.06
CA ASP A 335 6.41 8.03 4.54
C ASP A 335 6.37 7.88 6.04
N ALA A 336 5.68 8.80 6.71
CA ALA A 336 5.56 8.82 8.17
C ALA A 336 5.17 7.45 8.70
N ASP A 337 4.19 6.83 8.09
CA ASP A 337 3.75 5.51 8.50
C ASP A 337 4.91 4.51 8.44
N ASP A 338 5.60 4.45 7.30
CA ASP A 338 6.68 3.48 7.12
C ASP A 338 7.80 3.67 8.14
N THR A 339 8.30 4.90 8.29
CA THR A 339 9.41 5.14 9.20
C THR A 339 9.00 4.93 10.65
N ALA A 340 7.80 5.38 11.01
CA ALA A 340 7.30 5.19 12.38
C ALA A 340 7.14 3.71 12.69
N THR A 341 6.60 2.95 11.73
CA THR A 341 6.44 1.52 11.89
C THR A 341 7.79 0.82 12.02
N THR A 342 8.78 1.24 11.22
CA THR A 342 10.12 0.66 11.35
C THR A 342 10.74 0.99 12.69
N ILE A 343 10.54 2.21 13.18
CA ILE A 343 11.03 2.59 14.49
C ILE A 343 10.39 1.73 15.57
N LEU A 344 9.08 1.49 15.45
CA LEU A 344 8.40 0.61 16.38
C LEU A 344 8.97 -0.80 16.32
N VAL A 345 9.25 -1.29 15.11
CA VAL A 345 9.83 -2.63 14.97
C VAL A 345 11.19 -2.71 15.66
N LEU A 346 12.03 -1.70 15.45
CA LEU A 346 13.34 -1.70 16.09
C LEU A 346 13.21 -1.61 17.61
N ASN A 347 12.30 -0.77 18.10
CA ASN A 347 12.13 -0.61 19.53
C ASN A 347 11.64 -1.89 20.19
N LEU A 348 10.70 -2.58 19.56
CA LEU A 348 10.16 -3.82 20.11
C LEU A 348 11.00 -5.04 19.74
N LEU A 349 12.09 -4.86 19.01
CA LEU A 349 13.05 -5.91 18.75
C LEU A 349 14.33 -5.73 19.57
N ASN A 350 14.23 -5.08 20.73
CA ASN A 350 15.35 -4.89 21.65
C ASN A 350 16.49 -4.10 20.98
N GLN A 351 16.13 -3.01 20.32
CA GLN A 351 17.13 -2.12 19.73
C GLN A 351 16.61 -0.70 19.72
N PRO A 352 17.02 0.13 20.67
CA PRO A 352 16.44 1.48 20.80
C PRO A 352 16.94 2.43 19.72
N VAL A 353 16.01 3.01 18.98
CA VAL A 353 16.31 4.06 18.01
C VAL A 353 15.45 5.27 18.31
N SER A 354 16.07 6.44 18.35
CA SER A 354 15.37 7.67 18.69
C SER A 354 14.33 7.99 17.64
N VAL A 355 13.07 8.18 18.07
CA VAL A 355 12.00 8.51 17.15
C VAL A 355 12.16 9.90 16.56
N ASP A 356 13.13 10.68 17.03
CA ASP A 356 13.33 12.03 16.52
C ASP A 356 13.68 12.04 15.04
N ALA A 357 14.21 10.93 14.52
CA ALA A 357 14.54 10.86 13.11
C ALA A 357 13.30 11.04 12.24
N MET A 358 12.18 10.42 12.64
CA MET A 358 10.91 10.64 11.96
C MET A 358 10.13 11.80 12.57
N LEU A 359 10.37 12.11 13.85
CA LEU A 359 9.65 13.20 14.49
C LEU A 359 9.99 14.52 13.83
N LYS A 360 11.26 14.80 13.59
CA LYS A 360 11.61 15.98 12.81
C LYS A 360 11.73 15.67 11.33
N GLU A 361 10.79 14.88 10.81
CA GLU A 361 10.55 14.78 9.37
C GLU A 361 9.07 14.71 9.01
N PHE A 362 8.19 14.27 9.92
CA PHE A 362 6.80 14.00 9.59
C PHE A 362 5.88 14.48 10.71
N GLU A 363 6.15 15.66 11.25
CA GLU A 363 5.33 16.22 12.31
C GLU A 363 4.94 17.65 11.96
N GLU A 364 3.67 17.97 12.14
CA GLU A 364 3.15 19.31 11.89
C GLU A 364 2.22 19.68 13.04
N GLU A 365 1.50 20.79 12.87
CA GLU A 365 0.59 21.23 13.91
C GLU A 365 -0.66 20.37 13.93
N HIS A 366 -1.00 19.86 15.12
CA HIS A 366 -2.24 19.14 15.39
C HIS A 366 -2.34 17.80 14.68
N HIS A 367 -1.34 17.43 13.89
CA HIS A 367 -1.37 16.13 13.22
C HIS A 367 0.02 15.85 12.66
N PHE A 368 0.20 14.61 12.20
CA PHE A 368 1.41 14.17 11.54
C PHE A 368 1.14 13.99 10.06
N LYS A 369 2.03 14.51 9.22
CA LYS A 369 1.88 14.40 7.77
C LYS A 369 2.26 12.99 7.34
N THR A 370 2.35 12.76 6.03
CA THR A 370 2.74 11.46 5.50
C THR A 370 3.88 11.53 4.49
N TYR A 371 4.20 12.70 3.97
CA TYR A 371 5.32 12.85 3.05
C TYR A 371 6.00 14.21 3.24
N SER A 378 -4.47 11.06 5.91
CA SER A 378 -4.21 11.98 7.01
C SER A 378 -4.42 11.29 8.36
N PHE A 379 -4.98 10.08 8.31
CA PHE A 379 -5.26 9.30 9.50
C PHE A 379 -4.22 8.22 9.76
N SER A 380 -3.90 7.42 8.75
CA SER A 380 -3.02 6.26 8.96
C SER A 380 -1.64 6.70 9.45
N ALA A 381 -1.09 7.74 8.83
CA ALA A 381 0.21 8.23 9.26
C ALA A 381 0.16 8.74 10.69
N ASN A 382 -0.89 9.51 11.03
CA ASN A 382 -1.01 10.06 12.38
C ASN A 382 -1.10 8.94 13.41
N CYS A 383 -1.92 7.93 13.16
CA CYS A 383 -2.09 6.87 14.13
C CYS A 383 -0.86 5.96 14.21
N ASN A 384 -0.20 5.71 13.08
CA ASN A 384 1.02 4.92 13.11
C ASN A 384 2.12 5.63 13.89
N VAL A 385 2.25 6.95 13.70
CA VAL A 385 3.20 7.72 14.49
C VAL A 385 2.83 7.68 15.97
N LEU A 386 1.54 7.77 16.27
CA LEU A 386 1.09 7.67 17.67
C LEU A 386 1.46 6.33 18.28
N LEU A 387 1.25 5.24 17.53
CA LEU A 387 1.60 3.91 18.04
C LEU A 387 3.10 3.75 18.20
N ALA A 388 3.89 4.33 17.30
CA ALA A 388 5.34 4.28 17.43
C ALA A 388 5.79 5.04 18.68
N LEU A 389 5.19 6.20 18.93
CA LEU A 389 5.52 6.97 20.12
C LEU A 389 5.13 6.23 21.40
N LEU A 390 3.95 5.62 21.40
CA LEU A 390 3.47 4.94 22.60
C LEU A 390 4.31 3.73 22.97
N TYR A 391 5.06 3.18 22.02
CA TYR A 391 5.94 2.04 22.27
C TYR A 391 7.41 2.41 22.32
N SER A 392 7.73 3.70 22.43
CA SER A 392 9.11 4.11 22.54
C SER A 392 9.66 3.77 23.93
N GLN A 393 10.95 4.02 24.10
CA GLN A 393 11.60 3.73 25.39
C GLN A 393 11.00 4.57 26.50
N GLU A 394 10.74 5.85 26.24
CA GLU A 394 10.15 6.77 27.20
C GLU A 394 8.95 7.43 26.55
N PRO A 395 7.80 6.75 26.52
CA PRO A 395 6.59 7.37 25.96
C PRO A 395 6.12 8.58 26.72
N SER A 396 6.55 8.74 27.98
CA SER A 396 6.21 9.95 28.72
C SER A 396 6.96 11.18 28.21
N LEU A 397 8.11 10.98 27.56
CA LEU A 397 8.85 12.13 27.03
C LEU A 397 8.15 12.73 25.82
N TYR A 398 7.50 11.91 25.00
CA TYR A 398 6.77 12.38 23.82
C TYR A 398 5.27 12.51 24.11
N SER A 399 4.92 12.94 25.32
CA SER A 399 3.52 13.05 25.70
C SER A 399 2.79 14.08 24.84
N ALA A 400 3.48 15.15 24.47
CA ALA A 400 2.84 16.21 23.69
C ALA A 400 2.36 15.69 22.35
N GLN A 401 3.22 14.98 21.61
CA GLN A 401 2.82 14.48 20.31
C GLN A 401 1.80 13.35 20.43
N ILE A 402 1.88 12.55 21.49
CA ILE A 402 0.89 11.51 21.73
C ILE A 402 -0.49 12.13 21.93
N GLU A 403 -0.57 13.16 22.77
CA GLU A 403 -1.83 13.88 22.96
C GLU A 403 -2.30 14.51 21.66
N LYS A 404 -1.36 15.09 20.90
CA LYS A 404 -1.69 15.68 19.61
C LYS A 404 -2.38 14.67 18.69
N ALA A 405 -1.79 13.48 18.55
CA ALA A 405 -2.35 12.48 17.66
C ALA A 405 -3.68 11.96 18.18
N ILE A 406 -3.76 11.66 19.48
CA ILE A 406 -4.99 11.09 20.03
C ILE A 406 -6.12 12.11 20.05
N ARG A 407 -5.80 13.40 20.02
CA ARG A 407 -6.81 14.45 19.89
C ARG A 407 -7.22 14.66 18.45
N PHE A 408 -6.26 14.62 17.52
CA PHE A 408 -6.59 14.78 16.10
C PHE A 408 -7.50 13.66 15.63
N LEU A 409 -7.19 12.42 16.02
CA LEU A 409 -8.04 11.31 15.59
C LEU A 409 -9.45 11.42 16.16
N TYR A 410 -9.56 11.83 17.43
CA TYR A 410 -10.87 12.03 18.04
C TYR A 410 -11.65 13.13 17.33
N LYS A 411 -10.97 14.24 17.00
CA LYS A 411 -11.63 15.33 16.29
C LYS A 411 -12.09 14.87 14.91
N GLN A 412 -11.27 14.10 14.21
CA GLN A 412 -11.65 13.58 12.91
C GLN A 412 -12.86 12.66 13.02
N PHE A 413 -12.90 11.82 14.05
CA PHE A 413 -14.04 10.94 14.24
C PHE A 413 -15.31 11.71 14.58
N THR A 414 -15.19 12.77 15.37
CA THR A 414 -16.37 13.57 15.70
C THR A 414 -16.86 14.35 14.50
N ASP A 415 -15.95 14.81 13.65
CA ASP A 415 -16.29 15.61 12.48
C ASP A 415 -16.66 14.76 11.26
N SER A 416 -16.57 13.44 11.36
CA SER A 416 -16.85 12.56 10.23
C SER A 416 -17.91 11.51 10.56
N GLU A 417 -18.70 11.73 11.62
CA GLU A 417 -19.75 10.81 12.03
C GLU A 417 -19.21 9.40 12.24
N MET A 418 -18.02 9.32 12.86
CA MET A 418 -17.35 8.06 13.19
C MET A 418 -17.02 7.24 11.95
N ASP A 419 -17.01 7.86 10.77
CA ASP A 419 -16.70 7.18 9.52
C ASP A 419 -15.48 7.86 8.90
N VAL A 420 -14.34 7.16 8.94
CA VAL A 420 -13.08 7.70 8.44
C VAL A 420 -12.27 6.56 7.86
N ARG A 421 -11.47 6.87 6.85
CA ARG A 421 -10.65 5.90 6.15
C ARG A 421 -9.20 6.02 6.65
N ASP A 422 -8.28 5.33 5.97
CA ASP A 422 -6.87 5.35 6.35
C ASP A 422 -6.08 5.26 5.04
N LYS A 423 -5.22 6.24 4.81
CA LYS A 423 -4.55 6.45 3.53
C LYS A 423 -4.16 5.16 2.80
N TRP A 424 -3.43 4.28 3.48
CA TRP A 424 -2.92 3.08 2.81
C TRP A 424 -4.01 2.05 2.53
N ASN A 425 -5.01 1.95 3.39
CA ASN A 425 -6.00 0.89 3.30
C ASN A 425 -7.35 1.42 2.81
N LEU A 426 -8.20 0.49 2.37
CA LEU A 426 -9.51 0.84 1.81
C LEU A 426 -10.68 0.39 2.69
N SER A 427 -10.43 0.17 3.98
CA SER A 427 -11.46 -0.30 4.90
C SER A 427 -11.53 0.62 6.11
N PRO A 428 -12.70 1.18 6.44
CA PRO A 428 -12.80 1.95 7.70
C PRO A 428 -12.54 1.10 8.93
N TYR A 429 -12.72 -0.21 8.83
CA TYR A 429 -12.31 -1.11 9.90
C TYR A 429 -10.84 -0.92 10.24
N TYR A 430 -10.01 -0.63 9.24
CA TYR A 430 -8.59 -0.40 9.48
C TYR A 430 -8.37 0.83 10.37
N SER A 431 -9.07 1.91 10.06
CA SER A 431 -8.97 3.12 10.89
C SER A 431 -9.47 2.86 12.30
N TRP A 432 -10.59 2.14 12.43
CA TRP A 432 -11.13 1.83 13.75
C TRP A 432 -10.17 0.95 14.54
N MET A 433 -9.50 0.00 13.88
CA MET A 433 -8.52 -0.85 14.54
C MET A 433 -7.34 -0.04 15.06
N LEU A 434 -6.78 0.83 14.20
CA LEU A 434 -5.67 1.65 14.63
C LEU A 434 -6.07 2.55 15.80
N MET A 435 -7.27 3.13 15.73
CA MET A 435 -7.73 4.01 16.80
C MET A 435 -7.93 3.25 18.09
N THR A 436 -8.50 2.04 18.03
CA THR A 436 -8.67 1.23 19.24
C THR A 436 -7.33 0.88 19.84
N GLN A 437 -6.35 0.51 18.99
CA GLN A 437 -5.02 0.20 19.49
C GLN A 437 -4.42 1.39 20.22
N ALA A 438 -4.45 2.57 19.59
CA ALA A 438 -3.86 3.75 20.20
C ALA A 438 -4.57 4.13 21.49
N ILE A 439 -5.90 4.09 21.50
CA ILE A 439 -6.66 4.48 22.68
C ILE A 439 -6.38 3.52 23.84
N THR A 440 -6.37 2.21 23.56
CA THR A 440 -6.14 1.27 24.64
C THR A 440 -4.71 1.32 25.15
N ARG A 441 -3.74 1.58 24.26
CA ARG A 441 -2.37 1.75 24.74
C ARG A 441 -2.26 2.98 25.62
N LEU A 442 -2.90 4.07 25.23
CA LEU A 442 -2.89 5.29 26.06
C LEU A 442 -3.54 5.02 27.41
N THR A 443 -4.65 4.29 27.41
CA THR A 443 -5.34 3.98 28.67
C THR A 443 -4.47 3.10 29.57
N THR A 444 -3.81 2.10 28.98
CA THR A 444 -2.94 1.23 29.78
C THR A 444 -1.76 2.00 30.34
N LEU A 445 -1.18 2.90 29.56
CA LEU A 445 -0.07 3.71 30.07
C LEU A 445 -0.53 4.63 31.19
N GLN A 446 -1.70 5.25 31.03
CA GLN A 446 -2.21 6.13 32.08
C GLN A 446 -2.52 5.34 33.35
N LYS A 447 -3.10 4.14 33.22
CA LYS A 447 -3.41 3.31 34.37
C LYS A 447 -2.14 2.87 35.09
N THR A 448 -1.10 2.54 34.33
CA THR A 448 0.18 2.12 34.90
C THR A 448 1.09 3.29 35.23
N SER A 449 0.62 4.52 35.03
CA SER A 449 1.31 5.76 35.37
C SER A 449 2.57 5.98 34.55
N LYS A 450 2.82 5.17 33.52
CA LYS A 450 3.96 5.40 32.66
C LYS A 450 3.81 6.69 31.86
N LEU A 451 2.61 6.94 31.34
CA LEU A 451 2.31 8.13 30.56
C LEU A 451 1.24 8.94 31.27
N SER A 452 1.49 10.23 31.45
CA SER A 452 0.54 11.11 32.13
C SER A 452 -0.44 11.74 31.15
N ASP A 457 -9.42 15.36 30.68
CA ASP A 457 -10.75 15.42 31.26
C ASP A 457 -11.82 15.30 30.18
N SER A 458 -12.19 16.42 29.57
CA SER A 458 -13.18 16.40 28.50
C SER A 458 -12.68 15.59 27.31
N ILE A 459 -11.40 15.74 26.96
CA ILE A 459 -10.84 14.99 25.83
C ILE A 459 -10.86 13.50 26.13
N SER A 460 -10.49 13.12 27.35
CA SER A 460 -10.49 11.70 27.73
C SER A 460 -11.89 11.13 27.72
N LYS A 461 -12.87 11.89 28.25
CA LYS A 461 -14.25 11.42 28.23
C LYS A 461 -14.75 11.27 26.81
N GLY A 462 -14.41 12.21 25.93
CA GLY A 462 -14.76 12.07 24.53
C GLY A 462 -14.12 10.86 23.89
N LEU A 463 -12.86 10.58 24.24
CA LEU A 463 -12.18 9.41 23.70
C LEU A 463 -12.85 8.13 24.14
N ILE A 464 -13.25 8.06 25.42
CA ILE A 464 -13.91 6.85 25.92
C ILE A 464 -15.27 6.68 25.25
N SER A 465 -16.03 7.77 25.11
CA SER A 465 -17.32 7.69 24.43
C SER A 465 -17.14 7.31 22.97
N LEU A 466 -16.08 7.80 22.33
CA LEU A 466 -15.79 7.45 20.95
C LEU A 466 -15.45 5.97 20.82
N LEU A 467 -14.64 5.45 21.74
CA LEU A 467 -14.33 4.03 21.71
C LEU A 467 -15.58 3.18 21.91
N PHE A 468 -16.45 3.60 22.82
CA PHE A 468 -17.71 2.88 23.05
C PHE A 468 -18.60 2.91 21.82
N ARG A 469 -18.69 4.08 21.16
CA ARG A 469 -19.48 4.18 19.95
C ARG A 469 -18.90 3.33 18.83
N ILE A 470 -17.56 3.30 18.73
CA ILE A 470 -16.92 2.45 17.73
C ILE A 470 -17.27 0.99 18.00
N ALA A 471 -17.18 0.57 19.26
CA ALA A 471 -17.51 -0.81 19.59
C ALA A 471 -18.95 -1.14 19.23
N SER A 472 -19.89 -0.25 19.58
CA SER A 472 -21.31 -0.51 19.33
C SER A 472 -21.60 -0.55 17.83
N THR A 473 -21.08 0.43 17.08
CA THR A 473 -21.33 0.49 15.65
C THR A 473 -20.69 -0.70 14.93
N VAL A 474 -19.49 -1.11 15.37
CA VAL A 474 -18.85 -2.27 14.80
C VAL A 474 -19.68 -3.52 15.07
N VAL A 475 -20.17 -3.68 16.30
CA VAL A 475 -21.02 -4.83 16.62
C VAL A 475 -22.26 -4.83 15.73
N LYS A 476 -22.85 -3.65 15.50
CA LYS A 476 -24.00 -3.56 14.60
C LYS A 476 -23.63 -3.79 13.14
N ASP A 477 -22.36 -3.62 12.79
CA ASP A 477 -21.89 -3.73 11.41
C ASP A 477 -21.42 -5.13 11.03
N GLN A 478 -21.56 -6.11 11.92
CA GLN A 478 -21.11 -7.46 11.62
C GLN A 478 -22.05 -8.12 10.61
N LYS A 479 -21.46 -8.72 9.58
CA LYS A 479 -22.23 -9.36 8.53
C LYS A 479 -22.63 -10.78 8.93
N SER A 483 -17.93 -13.04 10.71
CA SER A 483 -17.80 -12.54 9.34
C SER A 483 -17.90 -11.02 9.32
N TRP A 484 -17.00 -10.39 8.56
CA TRP A 484 -16.96 -8.94 8.42
C TRP A 484 -16.65 -8.56 6.98
N GLY A 485 -16.53 -7.26 6.75
CA GLY A 485 -16.15 -6.75 5.44
C GLY A 485 -17.30 -6.71 4.47
N THR A 486 -17.24 -5.73 3.56
CA THR A 486 -18.22 -5.60 2.48
C THR A 486 -17.86 -6.45 1.28
N ARG A 487 -16.71 -7.13 1.30
CA ARG A 487 -16.29 -8.01 0.20
C ARG A 487 -15.76 -9.34 0.71
N ALA A 488 -16.10 -9.72 1.95
CA ALA A 488 -15.63 -10.96 2.56
C ALA A 488 -14.10 -11.04 2.56
N SER A 489 -13.46 -9.96 2.99
CA SER A 489 -12.01 -9.87 3.05
C SER A 489 -11.52 -10.16 4.46
N LYS A 490 -10.46 -10.95 4.57
CA LYS A 490 -9.91 -11.28 5.88
C LYS A 490 -9.22 -10.08 6.52
N GLU A 491 -8.68 -9.16 5.72
CA GLU A 491 -8.01 -8.00 6.30
C GLU A 491 -9.00 -7.10 7.02
N GLU A 492 -10.14 -6.80 6.39
CA GLU A 492 -11.15 -5.97 7.03
C GLU A 492 -11.71 -6.63 8.27
N THR A 493 -11.91 -7.95 8.22
CA THR A 493 -12.35 -8.69 9.39
C THR A 493 -11.32 -8.60 10.51
N ALA A 494 -10.04 -8.73 10.18
CA ALA A 494 -8.99 -8.61 11.18
C ALA A 494 -8.97 -7.23 11.81
N TYR A 495 -9.14 -6.19 10.98
CA TYR A 495 -9.19 -4.84 11.51
C TYR A 495 -10.40 -4.64 12.42
N ALA A 496 -11.56 -5.17 12.02
CA ALA A 496 -12.76 -5.01 12.83
C ALA A 496 -12.66 -5.76 14.15
N VAL A 497 -12.06 -6.96 14.16
CA VAL A 497 -11.91 -7.70 15.41
C VAL A 497 -10.79 -7.13 16.28
N LEU A 498 -9.78 -6.50 15.67
CA LEU A 498 -8.77 -5.79 16.42
C LEU A 498 -9.27 -4.47 16.97
N ILE A 499 -10.32 -3.91 16.37
CA ILE A 499 -10.97 -2.72 16.93
C ILE A 499 -11.86 -3.05 18.11
N LEU A 500 -12.11 -4.34 18.37
CA LEU A 500 -12.92 -4.76 19.51
C LEU A 500 -12.13 -5.47 20.59
N THR A 501 -11.03 -6.15 20.23
CA THR A 501 -10.18 -6.75 21.26
C THR A 501 -9.56 -5.70 22.16
N TYR A 502 -9.43 -4.46 21.68
CA TYR A 502 -8.98 -3.36 22.51
C TYR A 502 -10.13 -2.61 23.18
N ALA A 503 -11.36 -2.81 22.72
CA ALA A 503 -12.55 -2.22 23.34
C ALA A 503 -13.19 -3.14 24.37
N PHE A 504 -12.71 -4.37 24.51
CA PHE A 504 -13.27 -5.30 25.48
C PHE A 504 -12.87 -4.96 26.91
N TYR A 505 -11.71 -4.33 27.09
CA TYR A 505 -11.17 -4.08 28.42
C TYR A 505 -11.61 -2.75 29.02
N LEU A 506 -12.42 -1.96 28.31
CA LEU A 506 -12.85 -0.67 28.83
C LEU A 506 -13.73 -0.87 30.07
N ASP A 507 -13.41 -0.15 31.14
CA ASP A 507 -14.18 -0.25 32.37
C ASP A 507 -15.55 0.40 32.25
N GLU A 508 -15.74 1.28 31.26
CA GLU A 508 -17.01 1.95 31.05
C GLU A 508 -17.97 1.14 30.19
N VAL A 509 -17.55 -0.02 29.72
CA VAL A 509 -18.40 -0.87 28.89
C VAL A 509 -19.30 -1.71 29.77
N THR A 510 -20.60 -1.67 29.51
CA THR A 510 -21.56 -2.42 30.30
C THR A 510 -21.44 -3.92 29.99
N GLU A 511 -22.15 -4.72 30.78
CA GLU A 511 -22.11 -6.16 30.61
C GLU A 511 -22.67 -6.58 29.25
N SER A 512 -23.77 -5.97 28.82
CA SER A 512 -24.35 -6.31 27.53
C SER A 512 -23.43 -5.89 26.38
N LEU A 513 -22.85 -4.69 26.47
CA LEU A 513 -21.91 -4.25 25.45
C LEU A 513 -20.67 -5.12 25.42
N ARG A 514 -20.17 -5.52 26.59
CA ARG A 514 -19.02 -6.41 26.64
C ARG A 514 -19.33 -7.76 26.02
N HIS A 515 -20.51 -8.30 26.30
CA HIS A 515 -20.90 -9.57 25.71
C HIS A 515 -21.01 -9.46 24.20
N ASP A 516 -21.57 -8.34 23.70
CA ASP A 516 -21.64 -8.12 22.26
C ASP A 516 -20.24 -8.03 21.66
N ILE A 517 -19.32 -7.35 22.34
CA ILE A 517 -17.95 -7.24 21.84
C ILE A 517 -17.29 -8.61 21.76
N LYS A 518 -17.47 -9.42 22.81
CA LYS A 518 -16.89 -10.77 22.80
C LYS A 518 -17.49 -11.61 21.69
N ILE A 519 -18.80 -11.53 21.48
CA ILE A 519 -19.45 -12.31 20.44
C ILE A 519 -18.93 -11.89 19.06
N ALA A 520 -18.81 -10.58 18.84
CA ALA A 520 -18.31 -10.10 17.56
C ALA A 520 -16.87 -10.50 17.34
N ILE A 521 -16.05 -10.48 18.40
CA ILE A 521 -14.66 -10.91 18.28
C ILE A 521 -14.59 -12.38 17.91
N GLU A 522 -15.42 -13.21 18.54
CA GLU A 522 -15.44 -14.63 18.22
C GLU A 522 -15.86 -14.85 16.77
N ASN A 523 -16.92 -14.15 16.33
CA ASN A 523 -17.41 -14.33 14.96
C ASN A 523 -16.45 -13.74 13.92
N GLY A 524 -15.58 -12.82 14.32
CA GLY A 524 -14.58 -12.30 13.42
C GLY A 524 -13.35 -13.18 13.32
N CYS A 525 -12.91 -13.70 14.47
CA CYS A 525 -11.78 -14.62 14.45
C CYS A 525 -12.15 -15.95 13.80
N SER A 526 -13.43 -16.34 13.84
CA SER A 526 -13.86 -17.50 13.06
C SER A 526 -13.67 -17.27 11.57
N PHE A 527 -14.03 -16.07 11.11
CA PHE A 527 -13.78 -15.71 9.71
C PHE A 527 -12.29 -15.67 9.40
N LEU A 528 -11.49 -15.14 10.32
CA LEU A 528 -10.05 -15.05 10.11
C LEU A 528 -9.42 -16.42 9.99
N SER A 529 -9.83 -17.37 10.84
CA SER A 529 -9.31 -18.72 10.79
C SER A 529 -10.29 -19.72 11.38
N ASP A 536 -6.58 -15.06 1.06
CA ASP A 536 -6.55 -14.32 2.32
C ASP A 536 -6.17 -12.86 2.09
N SER A 537 -5.73 -12.55 0.88
CA SER A 537 -5.31 -11.20 0.52
C SER A 537 -6.25 -10.64 -0.53
N GLU A 538 -6.78 -9.44 -0.26
CA GLU A 538 -7.67 -8.76 -1.18
C GLU A 538 -7.16 -7.34 -1.42
N TRP A 539 -7.59 -6.75 -2.54
CA TRP A 539 -7.09 -5.45 -2.97
C TRP A 539 -7.69 -4.38 -2.06
N LEU A 540 -7.02 -4.18 -0.92
CA LEU A 540 -7.40 -3.16 0.03
C LEU A 540 -6.34 -2.09 0.24
N TRP A 541 -5.15 -2.26 -0.35
CA TRP A 541 -4.03 -1.36 -0.11
C TRP A 541 -3.90 -0.41 -1.30
N VAL A 542 -4.16 0.87 -1.05
CA VAL A 542 -4.24 1.85 -2.13
C VAL A 542 -2.88 2.00 -2.80
N GLU A 543 -2.96 2.40 -4.08
CA GLU A 543 -1.76 2.52 -4.94
C GLU A 543 -2.30 3.01 -6.28
N LYS A 544 -1.48 3.63 -7.13
CA LYS A 544 -1.96 4.00 -8.46
C LYS A 544 -3.04 3.01 -8.88
N VAL A 545 -2.84 1.74 -8.58
CA VAL A 545 -3.84 0.69 -8.71
C VAL A 545 -3.77 -0.15 -7.44
N THR A 546 -4.93 -0.35 -6.79
CA THR A 546 -4.96 -1.03 -5.50
C THR A 546 -4.37 -2.42 -5.60
N TYR A 547 -3.60 -2.81 -4.58
CA TYR A 547 -2.83 -4.05 -4.59
C TYR A 547 -3.09 -4.86 -3.33
N LYS A 548 -2.92 -6.18 -3.45
CA LYS A 548 -3.04 -7.11 -2.34
C LYS A 548 -1.66 -7.68 -2.02
N SER A 549 -1.29 -7.66 -0.75
CA SER A 549 0.00 -8.17 -0.28
C SER A 549 -0.24 -9.30 0.70
N GLU A 550 0.44 -10.43 0.46
CA GLU A 550 0.25 -11.60 1.33
C GLU A 550 0.78 -11.34 2.73
N VAL A 551 1.93 -10.68 2.84
CA VAL A 551 2.55 -10.48 4.15
C VAL A 551 1.67 -9.59 5.03
N LEU A 552 1.05 -8.56 4.45
CA LEU A 552 0.19 -7.67 5.23
C LEU A 552 -1.03 -8.41 5.75
N SER A 553 -1.69 -9.19 4.88
CA SER A 553 -2.86 -9.93 5.30
C SER A 553 -2.51 -10.95 6.38
N GLU A 554 -1.43 -11.71 6.17
CA GLU A 554 -1.02 -12.69 7.17
C GLU A 554 -0.67 -12.01 8.48
N ALA A 555 0.01 -10.87 8.43
CA ALA A 555 0.41 -10.17 9.63
C ALA A 555 -0.79 -9.71 10.44
N TYR A 556 -1.77 -9.07 9.77
CA TYR A 556 -2.93 -8.58 10.50
C TYR A 556 -3.78 -9.75 11.02
N ILE A 557 -3.86 -10.84 10.26
CA ILE A 557 -4.59 -12.02 10.74
C ILE A 557 -3.94 -12.56 12.00
N LEU A 558 -2.62 -12.74 11.98
CA LEU A 558 -1.92 -13.28 13.14
C LEU A 558 -2.03 -12.34 14.33
N ALA A 559 -1.90 -11.04 14.09
CA ALA A 559 -1.99 -10.07 15.18
C ALA A 559 -3.38 -10.09 15.82
N ALA A 560 -4.44 -10.11 15.00
CA ALA A 560 -5.79 -10.16 15.55
C ALA A 560 -6.03 -11.44 16.31
N LEU A 561 -5.56 -12.58 15.77
CA LEU A 561 -5.76 -13.85 16.46
C LEU A 561 -5.05 -13.86 17.81
N LYS A 562 -3.81 -13.37 17.87
CA LYS A 562 -3.09 -13.33 19.14
C LYS A 562 -3.75 -12.38 20.12
N ARG A 563 -4.16 -11.19 19.64
CA ARG A 563 -4.76 -10.20 20.53
C ARG A 563 -6.07 -10.72 21.11
N ALA A 564 -6.89 -11.39 20.29
CA ALA A 564 -8.09 -12.02 20.82
C ALA A 564 -7.76 -13.16 21.76
N ALA A 565 -6.66 -13.88 21.50
CA ALA A 565 -6.24 -14.95 22.40
C ALA A 565 -5.80 -14.41 23.76
N ASP A 566 -5.49 -13.12 23.85
CA ASP A 566 -5.17 -12.49 25.13
C ASP A 566 -6.40 -12.12 25.94
N LEU A 567 -7.59 -12.26 25.36
CA LEU A 567 -8.81 -11.91 26.07
C LEU A 567 -9.17 -12.98 27.09
N PRO A 568 -9.49 -12.59 28.34
CA PRO A 568 -9.98 -13.46 29.42
C PRO A 568 -11.06 -14.44 28.96
#